data_3A71
#
_entry.id   3A71
#
_cell.length_a   66.877
_cell.length_b   77.248
_cell.length_c   79.441
_cell.angle_alpha   90.00
_cell.angle_beta   90.00
_cell.angle_gamma   90.00
#
_symmetry.space_group_name_H-M   'P 21 21 21'
#
loop_
_entity.id
_entity.type
_entity.pdbx_description
1 polymer Exo-arabinanase
2 non-polymer 'ACETATE ION'
3 non-polymer (4S)-2-METHYL-2,4-PENTANEDIOL
4 water water
#
_entity_poly.entity_id   1
_entity_poly.type   'polypeptide(L)'
_entity_poly.pdbx_seq_one_letter_code
;SSPTSLTNVTIFSPPSDYIVPRTLYPRNEQLPNGDLLATWENYSPEPPAVYFPIYRSKDHGKTWNEISRVHDTVNGYGLR
YQPFLYSLPERVGSFKKGTLLLAGSSIPTDLSSTDIVLYASQDDGMTWDFVSHIAAGGEARPNNGLTPVWEPFLLANKGK
LICYYSDQRDNATYGQTMVHQVTNDLKNWGPVVEDVTYPTYTDRPGMPVVTKLPNGQYFYVYEYGSFFGTETYSFPLYYR
LSSDPENIASAPGQRLVVSSGTQPTSSPYAVWTPYGGENGTIIVSSGTQGTLFINKALGEGEWTEIPCPEEHGYTRALRV
LSEDGGRYLVVNSAGVLLGENNRVSVSVMDLKEVL
;
_entity_poly.pdbx_strand_id   A
#
# COMPACT_ATOMS: atom_id res chain seq x y z
N PRO A 3 13.08 10.17 -17.60
CA PRO A 3 13.10 8.75 -17.15
C PRO A 3 13.26 7.84 -18.34
N THR A 4 13.64 6.63 -18.06
CA THR A 4 13.76 5.62 -19.10
C THR A 4 13.26 4.31 -18.53
N SER A 5 13.05 3.37 -19.44
CA SER A 5 12.77 2.00 -19.03
C SER A 5 13.90 1.44 -18.24
N LEU A 6 13.61 0.71 -17.17
CA LEU A 6 14.57 0.02 -16.34
C LEU A 6 13.99 -1.31 -15.91
N THR A 7 14.82 -2.32 -15.79
CA THR A 7 14.36 -3.64 -15.40
C THR A 7 15.15 -4.19 -14.24
N ASN A 8 14.41 -4.50 -13.16
CA ASN A 8 14.96 -5.26 -12.04
C ASN A 8 16.17 -4.62 -11.38
N VAL A 9 16.12 -3.32 -11.19
CA VAL A 9 17.15 -2.58 -10.48
C VAL A 9 17.10 -2.94 -9.00
N THR A 10 18.23 -3.27 -8.39
CA THR A 10 18.29 -3.54 -6.98
C THR A 10 18.27 -2.25 -6.16
N ILE A 11 17.30 -2.09 -5.30
CA ILE A 11 17.28 -1.02 -4.31
C ILE A 11 18.06 -1.44 -3.07
N PHE A 12 17.79 -2.66 -2.61
CA PHE A 12 18.43 -3.18 -1.40
C PHE A 12 18.48 -4.70 -1.45
N SER A 13 19.64 -5.25 -1.26
CA SER A 13 19.83 -6.70 -1.13
C SER A 13 20.16 -7.00 0.32
N PRO A 14 19.31 -7.64 1.11
CA PRO A 14 19.55 -7.72 2.54
C PRO A 14 20.68 -8.65 2.90
N PRO A 15 21.32 -8.41 4.03
CA PRO A 15 22.33 -9.38 4.51
C PRO A 15 21.67 -10.69 4.86
N SER A 16 22.47 -11.75 4.77
CA SER A 16 21.93 -13.08 5.02
C SER A 16 21.54 -13.26 6.47
N ASP A 17 22.13 -12.49 7.38
CA ASP A 17 21.69 -12.59 8.79
C ASP A 17 20.40 -11.88 9.12
N TYR A 18 19.77 -11.20 8.17
CA TYR A 18 18.40 -10.76 8.39
C TYR A 18 17.56 -12.02 8.48
N ILE A 19 16.40 -11.88 9.14
CA ILE A 19 15.52 -13.00 9.39
C ILE A 19 14.55 -13.16 8.25
N VAL A 20 14.48 -14.36 7.67
CA VAL A 20 13.54 -14.64 6.57
C VAL A 20 12.18 -14.12 6.93
N PRO A 21 11.50 -13.34 6.09
CA PRO A 21 11.78 -13.11 4.70
C PRO A 21 12.79 -12.03 4.39
N ARG A 22 13.35 -11.38 5.39
CA ARG A 22 14.40 -10.37 5.27
C ARG A 22 13.89 -8.99 4.82
N THR A 23 13.17 -8.97 3.70
CA THR A 23 12.45 -7.80 3.23
C THR A 23 11.07 -8.27 2.82
N LEU A 24 10.10 -7.35 2.88
CA LEU A 24 8.74 -7.62 2.41
C LEU A 24 8.00 -6.31 2.37
N TYR A 25 6.93 -6.21 1.62
CA TYR A 25 5.94 -5.12 1.69
C TYR A 25 6.52 -3.80 1.24
N PRO A 26 6.74 -3.67 -0.07
CA PRO A 26 7.34 -2.43 -0.61
C PRO A 26 6.33 -1.31 -0.62
N ARG A 27 6.78 -0.11 -0.29
CA ARG A 27 6.01 1.11 -0.52
C ARG A 27 6.93 2.18 -0.98
N ASN A 28 6.40 3.18 -1.70
CA ASN A 28 7.22 4.24 -2.25
C ASN A 28 6.43 5.53 -2.34
N GLU A 29 7.14 6.60 -2.65
CA GLU A 29 6.52 7.89 -2.89
C GLU A 29 7.38 8.65 -3.88
N GLN A 30 6.77 9.51 -4.66
CA GLN A 30 7.49 10.48 -5.49
C GLN A 30 7.23 11.87 -4.88
N LEU A 31 8.27 12.58 -4.60
CA LEU A 31 8.16 13.95 -4.06
C LEU A 31 7.90 14.90 -5.21
N PRO A 32 7.37 16.09 -4.90
CA PRO A 32 7.06 17.03 -6.00
C PRO A 32 8.23 17.33 -6.93
N ASN A 33 9.47 17.32 -6.42
CA ASN A 33 10.61 17.58 -7.29
C ASN A 33 10.99 16.40 -8.16
N GLY A 34 10.26 15.31 -8.08
CA GLY A 34 10.51 14.11 -8.84
C GLY A 34 11.28 13.02 -8.14
N ASP A 35 11.92 13.29 -7.03
CA ASP A 35 12.71 12.29 -6.31
C ASP A 35 11.82 11.13 -5.86
N LEU A 36 12.36 9.94 -5.88
CA LEU A 36 11.69 8.75 -5.47
C LEU A 36 12.21 8.26 -4.14
N LEU A 37 11.30 7.87 -3.26
CA LEU A 37 11.63 7.25 -1.98
C LEU A 37 11.01 5.85 -1.91
N ALA A 38 11.72 4.95 -1.28
CA ALA A 38 11.27 3.58 -1.11
C ALA A 38 11.51 3.15 0.33
N THR A 39 10.59 2.29 0.82
CA THR A 39 10.74 1.64 2.10
C THR A 39 10.09 0.25 2.02
N TRP A 40 10.24 -0.51 3.11
CA TRP A 40 9.84 -1.91 3.20
C TRP A 40 9.94 -2.34 4.66
N GLU A 41 9.31 -3.47 4.96
CA GLU A 41 9.53 -4.19 6.20
C GLU A 41 10.96 -4.74 6.17
N ASN A 42 11.75 -4.37 7.16
CA ASN A 42 13.19 -4.64 7.21
C ASN A 42 13.48 -5.54 8.38
N TYR A 43 13.67 -6.83 8.13
CA TYR A 43 13.70 -7.86 9.19
C TYR A 43 15.12 -8.06 9.73
N SER A 44 15.64 -6.99 10.30
CA SER A 44 16.96 -7.01 10.91
C SER A 44 16.93 -7.77 12.23
N PRO A 45 18.02 -8.38 12.65
CA PRO A 45 18.03 -9.05 13.95
C PRO A 45 17.96 -8.01 15.06
N GLU A 46 17.25 -8.36 16.12
CA GLU A 46 16.94 -7.46 17.22
C GLU A 46 17.54 -8.02 18.49
N PRO A 47 17.92 -7.20 19.45
CA PRO A 47 17.90 -5.75 19.40
C PRO A 47 19.00 -5.18 18.53
N PRO A 48 18.95 -3.92 18.15
CA PRO A 48 17.89 -2.98 18.51
C PRO A 48 16.66 -3.21 17.69
N ALA A 49 15.59 -2.49 18.04
CA ALA A 49 14.28 -2.70 17.42
C ALA A 49 14.30 -2.40 15.93
N VAL A 50 13.51 -3.12 15.18
CA VAL A 50 13.42 -2.91 13.74
C VAL A 50 12.90 -1.50 13.43
N TYR A 51 13.26 -1.04 12.23
CA TYR A 51 12.98 0.28 11.74
C TYR A 51 12.53 0.19 10.28
N PHE A 52 12.02 1.28 9.74
CA PHE A 52 11.74 1.40 8.31
C PHE A 52 12.84 2.24 7.65
N PRO A 53 13.62 1.61 6.77
CA PRO A 53 14.67 2.37 6.03
C PRO A 53 14.05 3.21 4.95
N ILE A 54 14.66 4.35 4.65
CA ILE A 54 14.19 5.25 3.60
C ILE A 54 15.31 5.39 2.60
N TYR A 55 15.10 4.86 1.41
CA TYR A 55 16.07 4.91 0.30
C TYR A 55 15.53 5.88 -0.76
N ARG A 56 16.44 6.68 -1.33
CA ARG A 56 16.11 7.66 -2.32
C ARG A 56 16.82 7.39 -3.62
N SER A 57 16.14 7.70 -4.71
CA SER A 57 16.70 7.81 -6.05
C SER A 57 16.47 9.18 -6.60
N LYS A 58 17.51 9.84 -7.10
CA LYS A 58 17.47 11.13 -7.75
C LYS A 58 17.71 11.03 -9.26
N ASP A 59 17.73 9.82 -9.80
CA ASP A 59 17.96 9.56 -11.23
C ASP A 59 16.90 8.63 -11.79
N HIS A 60 15.68 8.75 -11.28
CA HIS A 60 14.49 8.10 -11.79
C HIS A 60 14.56 6.58 -11.69
N GLY A 61 15.26 6.12 -10.64
CA GLY A 61 15.31 4.74 -10.30
C GLY A 61 16.56 3.99 -10.66
N LYS A 62 17.49 4.65 -11.33
CA LYS A 62 18.73 3.96 -11.72
C LYS A 62 19.61 3.62 -10.53
N THR A 63 19.73 4.54 -9.58
CA THR A 63 20.54 4.31 -8.39
C THR A 63 19.77 4.74 -7.16
N TRP A 64 20.16 4.15 -6.04
CA TRP A 64 19.47 4.28 -4.76
C TRP A 64 20.45 4.39 -3.61
N ASN A 65 20.13 5.20 -2.61
CA ASN A 65 20.96 5.34 -1.43
C ASN A 65 20.07 5.53 -0.21
N GLU A 66 20.45 4.94 0.90
CA GLU A 66 19.75 5.19 2.16
C GLU A 66 19.95 6.65 2.58
N ILE A 67 18.86 7.31 2.96
CA ILE A 67 18.96 8.68 3.46
C ILE A 67 18.54 8.81 4.92
N SER A 68 17.72 7.91 5.45
CA SER A 68 17.27 7.98 6.85
C SER A 68 16.63 6.63 7.20
N ARG A 69 16.31 6.52 8.49
CA ARG A 69 15.56 5.41 9.04
C ARG A 69 14.48 5.96 9.98
N VAL A 70 13.30 5.40 9.92
CA VAL A 70 12.23 5.72 10.87
C VAL A 70 12.23 4.68 11.97
N HIS A 71 12.58 5.14 13.16
CA HIS A 71 12.68 4.28 14.32
C HIS A 71 11.43 4.43 15.19
N ASP A 72 11.18 3.38 15.99
CA ASP A 72 10.03 3.38 16.91
C ASP A 72 10.35 4.11 18.18
N THR A 73 10.34 5.45 18.08
CA THR A 73 10.63 6.33 19.19
C THR A 73 9.41 6.41 20.14
N VAL A 74 8.22 6.02 19.70
CA VAL A 74 7.03 6.17 20.52
C VAL A 74 6.88 5.00 21.50
N ASN A 75 7.05 3.77 21.02
CA ASN A 75 6.85 2.59 21.83
C ASN A 75 8.13 1.81 22.11
N GLY A 76 9.13 1.90 21.23
CA GLY A 76 10.31 1.09 21.37
C GLY A 76 10.13 -0.35 21.00
N TYR A 77 9.03 -0.71 20.39
CA TYR A 77 8.71 -2.09 19.99
C TYR A 77 9.42 -2.46 18.71
N GLY A 78 9.43 -1.54 17.74
CA GLY A 78 9.92 -1.77 16.40
C GLY A 78 8.84 -1.41 15.40
N LEU A 79 9.25 -0.64 14.37
CA LEU A 79 8.35 -0.32 13.24
C LEU A 79 8.52 -1.47 12.28
N ARG A 80 7.58 -2.41 12.34
CA ARG A 80 7.79 -3.77 11.89
C ARG A 80 7.06 -4.14 10.63
N TYR A 81 5.75 -3.86 10.57
CA TYR A 81 4.91 -4.27 9.46
C TYR A 81 4.26 -3.05 8.78
N GLN A 82 4.06 -3.19 7.49
CA GLN A 82 3.10 -2.42 6.72
C GLN A 82 3.35 -0.89 6.74
N PRO A 83 4.51 -0.45 6.28
CA PRO A 83 4.75 0.96 6.13
C PRO A 83 3.88 1.54 5.03
N PHE A 84 3.81 2.87 4.98
CA PHE A 84 3.15 3.62 3.90
C PHE A 84 3.73 5.01 3.89
N LEU A 85 4.26 5.46 2.74
CA LEU A 85 4.77 6.81 2.57
C LEU A 85 3.74 7.68 1.86
N TYR A 86 3.63 8.96 2.30
CA TYR A 86 2.67 9.85 1.67
C TYR A 86 3.12 11.30 1.78
N SER A 87 3.39 11.93 0.64
CA SER A 87 3.69 13.35 0.57
C SER A 87 2.36 14.12 0.54
N LEU A 88 2.06 14.94 1.53
CA LEU A 88 0.74 15.62 1.54
C LEU A 88 0.59 16.50 0.33
N PRO A 89 -0.49 16.32 -0.42
CA PRO A 89 -0.71 17.18 -1.59
C PRO A 89 -1.34 18.48 -1.29
N GLU A 90 -1.70 18.72 -0.04
CA GLU A 90 -2.29 19.96 0.44
C GLU A 90 -2.04 20.04 1.96
N ARG A 91 -2.13 21.24 2.52
CA ARG A 91 -2.01 21.39 3.94
C ARG A 91 -3.11 20.63 4.66
N VAL A 92 -2.74 20.00 5.78
CA VAL A 92 -3.69 19.41 6.72
C VAL A 92 -3.35 19.97 8.08
N GLY A 93 -4.27 20.82 8.60
CA GLY A 93 -4.02 21.42 9.86
C GLY A 93 -2.74 22.23 9.87
N SER A 94 -1.86 21.99 10.82
CA SER A 94 -0.59 22.71 10.99
C SER A 94 0.49 22.19 10.05
N PHE A 95 0.24 21.18 9.25
CA PHE A 95 1.24 20.53 8.41
C PHE A 95 1.08 20.97 6.97
N LYS A 96 2.13 21.64 6.46
CA LYS A 96 2.09 22.15 5.11
C LYS A 96 2.00 21.08 4.06
N LYS A 97 1.48 21.45 2.87
CA LYS A 97 1.69 20.67 1.68
C LYS A 97 3.16 20.30 1.57
N GLY A 98 3.43 19.08 1.20
CA GLY A 98 4.80 18.61 1.07
C GLY A 98 5.37 18.04 2.34
N THR A 99 4.67 18.14 3.48
CA THR A 99 5.04 17.32 4.62
C THR A 99 5.04 15.87 4.14
N LEU A 100 6.09 15.11 4.50
CA LEU A 100 6.18 13.72 4.14
C LEU A 100 5.79 12.86 5.33
N LEU A 101 4.82 12.02 5.17
CA LEU A 101 4.32 11.16 6.22
C LEU A 101 4.74 9.72 6.03
N LEU A 102 4.93 9.03 7.11
CA LEU A 102 5.04 7.56 7.14
C LEU A 102 4.02 7.07 8.14
N ALA A 103 3.17 6.16 7.73
CA ALA A 103 2.36 5.39 8.65
C ALA A 103 2.92 3.97 8.67
N GLY A 104 2.77 3.23 9.75
CA GLY A 104 3.19 1.86 9.79
C GLY A 104 2.93 1.27 11.15
N SER A 105 3.14 -0.03 11.29
CA SER A 105 2.70 -0.71 12.51
C SER A 105 3.87 -1.02 13.44
N SER A 106 3.80 -0.46 14.65
CA SER A 106 4.68 -0.73 15.77
C SER A 106 4.21 -2.00 16.44
N ILE A 107 5.08 -2.99 16.53
CA ILE A 107 4.75 -4.34 16.94
C ILE A 107 5.91 -4.87 17.74
N PRO A 108 5.75 -5.38 18.94
CA PRO A 108 6.88 -5.97 19.64
C PRO A 108 7.35 -7.24 18.94
N THR A 109 8.58 -7.69 19.27
CA THR A 109 9.12 -8.92 18.67
C THR A 109 8.19 -10.11 18.86
N ASP A 110 7.52 -10.16 20.02
CA ASP A 110 6.61 -11.27 20.33
C ASP A 110 5.28 -11.20 19.61
N LEU A 111 5.06 -10.22 18.76
CA LEU A 111 3.86 -10.13 17.91
C LEU A 111 2.61 -9.94 18.73
N SER A 112 2.74 -9.43 19.96
CA SER A 112 1.58 -9.39 20.86
C SER A 112 0.59 -8.31 20.60
N SER A 113 0.92 -7.27 19.86
CA SER A 113 0.07 -6.12 19.64
C SER A 113 0.43 -5.46 18.32
N THR A 114 -0.50 -4.60 17.88
CA THR A 114 -0.36 -3.79 16.66
C THR A 114 -0.71 -2.37 16.97
N ASP A 115 -0.02 -1.42 16.32
CA ASP A 115 -0.23 0.00 16.60
C ASP A 115 0.19 0.77 15.38
N ILE A 116 -0.78 1.22 14.59
CA ILE A 116 -0.50 2.02 13.42
C ILE A 116 -0.21 3.44 13.89
N VAL A 117 1.03 3.85 13.68
CA VAL A 117 1.54 5.16 14.11
C VAL A 117 1.89 6.00 12.88
N LEU A 118 1.92 7.30 13.09
CA LEU A 118 2.14 8.30 12.06
C LEU A 118 3.37 9.14 12.46
N TYR A 119 4.36 9.20 11.57
CA TYR A 119 5.58 9.99 11.63
C TYR A 119 5.53 11.02 10.50
N ALA A 120 6.17 12.17 10.73
CA ALA A 120 6.26 13.23 9.74
C ALA A 120 7.70 13.71 9.57
N SER A 121 8.02 14.09 8.35
CA SER A 121 9.28 14.73 7.99
C SER A 121 9.00 16.02 7.27
N GLN A 122 9.68 17.08 7.65
CA GLN A 122 9.52 18.39 7.01
C GLN A 122 10.67 18.67 6.06
N ASP A 123 11.60 17.77 5.91
CA ASP A 123 12.79 17.96 5.10
C ASP A 123 12.96 16.84 4.09
N ASP A 124 11.84 16.38 3.52
CA ASP A 124 11.89 15.50 2.38
C ASP A 124 12.48 14.13 2.73
N GLY A 125 12.31 13.72 4.00
CA GLY A 125 12.72 12.42 4.42
C GLY A 125 14.06 12.30 5.11
N MET A 126 14.67 13.42 5.47
CA MET A 126 15.96 13.36 6.16
C MET A 126 15.77 13.10 7.65
N THR A 127 14.80 13.76 8.24
CA THR A 127 14.52 13.61 9.67
C THR A 127 13.03 13.41 9.91
N TRP A 128 12.70 12.78 11.02
CA TRP A 128 11.37 12.33 11.32
C TRP A 128 10.98 12.64 12.75
N ASP A 129 9.70 12.90 12.95
CA ASP A 129 9.13 13.04 14.29
C ASP A 129 7.83 12.30 14.41
N PHE A 130 7.61 11.69 15.57
CA PHE A 130 6.33 11.06 15.89
C PHE A 130 5.22 12.15 15.90
N VAL A 131 4.07 11.86 15.30
CA VAL A 131 2.91 12.73 15.35
C VAL A 131 1.77 12.12 16.15
N SER A 132 1.32 10.91 15.85
CA SER A 132 0.12 10.38 16.51
C SER A 132 0.07 8.88 16.33
N HIS A 133 -0.69 8.25 17.24
CA HIS A 133 -1.24 6.93 16.99
C HIS A 133 -2.50 7.09 16.13
N ILE A 134 -2.66 6.26 15.16
CA ILE A 134 -3.92 6.21 14.38
C ILE A 134 -4.89 5.20 14.99
N ALA A 135 -4.43 3.96 15.11
CA ALA A 135 -5.29 2.85 15.54
C ALA A 135 -4.42 1.73 16.05
N ALA A 136 -4.84 1.10 17.14
CA ALA A 136 -4.08 0.02 17.77
C ALA A 136 -4.98 -1.19 17.97
N GLY A 137 -4.39 -2.34 18.01
CA GLY A 137 -5.09 -3.58 18.22
C GLY A 137 -4.22 -4.67 18.76
N GLY A 138 -4.70 -5.90 18.61
CA GLY A 138 -4.15 -7.09 19.20
C GLY A 138 -3.08 -7.77 18.39
N GLU A 139 -2.97 -9.08 18.64
CA GLU A 139 -1.87 -9.91 18.20
C GLU A 139 -1.69 -9.86 16.68
N ALA A 140 -0.44 -9.67 16.25
CA ALA A 140 -0.10 -9.47 14.84
C ALA A 140 -0.01 -10.76 14.07
N ARG A 141 -1.06 -11.57 14.09
CA ARG A 141 -1.20 -12.76 13.26
C ARG A 141 -2.61 -12.75 12.63
N PRO A 142 -2.70 -13.22 11.41
CA PRO A 142 -3.99 -13.16 10.67
C PRO A 142 -4.88 -14.34 10.95
N ASN A 143 -5.06 -14.72 12.18
CA ASN A 143 -5.92 -15.77 12.60
C ASN A 143 -7.23 -15.16 13.11
N ASN A 144 -8.31 -15.86 12.82
CA ASN A 144 -9.61 -15.40 13.28
C ASN A 144 -9.65 -15.45 14.84
N GLY A 145 -10.43 -14.49 15.36
CA GLY A 145 -10.61 -14.35 16.77
C GLY A 145 -9.65 -13.38 17.41
N LEU A 146 -8.51 -13.17 16.75
CA LEU A 146 -7.56 -12.15 17.16
C LEU A 146 -8.06 -10.78 16.75
N THR A 147 -7.47 -9.73 17.35
CA THR A 147 -7.92 -8.39 17.13
C THR A 147 -6.90 -7.39 16.56
N PRO A 148 -5.97 -7.77 15.69
CA PRO A 148 -5.03 -6.79 15.14
C PRO A 148 -5.70 -5.77 14.19
N VAL A 149 -4.94 -4.70 13.97
CA VAL A 149 -5.14 -3.77 12.88
C VAL A 149 -3.94 -3.88 11.94
N TRP A 150 -4.15 -3.52 10.67
CA TRP A 150 -3.14 -3.77 9.64
C TRP A 150 -3.20 -2.78 8.49
N GLU A 151 -2.09 -2.57 7.81
CA GLU A 151 -2.09 -2.15 6.39
C GLU A 151 -2.63 -0.75 6.13
N PRO A 152 -2.06 0.28 6.72
CA PRO A 152 -2.54 1.62 6.45
C PRO A 152 -2.32 2.04 4.98
N PHE A 153 -3.25 2.85 4.50
CA PHE A 153 -3.18 3.56 3.23
C PHE A 153 -3.69 4.98 3.49
N LEU A 154 -2.91 5.98 3.12
CA LEU A 154 -3.21 7.36 3.38
C LEU A 154 -3.65 8.12 2.14
N LEU A 155 -4.66 8.98 2.31
CA LEU A 155 -5.17 9.79 1.22
C LEU A 155 -5.72 11.08 1.79
N ALA A 156 -5.35 12.24 1.25
CA ALA A 156 -5.86 13.52 1.66
C ALA A 156 -6.99 13.97 0.73
N ASN A 157 -7.98 14.67 1.32
CA ASN A 157 -9.05 15.25 0.53
C ASN A 157 -9.66 16.38 1.36
N LYS A 158 -9.86 17.53 0.74
CA LYS A 158 -10.59 18.63 1.39
C LYS A 158 -10.03 18.98 2.76
N GLY A 159 -8.70 19.07 2.90
CA GLY A 159 -8.09 19.50 4.11
C GLY A 159 -8.03 18.44 5.20
N LYS A 160 -8.39 17.23 4.87
CA LYS A 160 -8.39 16.11 5.78
C LYS A 160 -7.46 15.03 5.32
N LEU A 161 -6.98 14.22 6.24
CA LEU A 161 -6.27 13.01 5.91
C LEU A 161 -7.07 11.81 6.36
N ILE A 162 -7.25 10.89 5.46
CA ILE A 162 -7.95 9.62 5.66
C ILE A 162 -6.91 8.54 5.74
N CYS A 163 -7.04 7.66 6.77
CA CYS A 163 -6.26 6.45 6.85
C CYS A 163 -7.21 5.26 6.74
N TYR A 164 -7.11 4.54 5.63
CA TYR A 164 -7.80 3.27 5.43
C TYR A 164 -6.93 2.16 5.99
N TYR A 165 -7.54 1.13 6.59
CA TYR A 165 -6.75 0.02 7.09
C TYR A 165 -7.68 -1.16 7.30
N SER A 166 -7.09 -2.32 7.56
CA SER A 166 -7.79 -3.55 7.83
C SER A 166 -7.93 -3.74 9.33
N ASP A 167 -9.06 -4.32 9.75
CA ASP A 167 -9.43 -4.31 11.16
C ASP A 167 -9.97 -5.67 11.56
N GLN A 168 -9.38 -6.29 12.59
CA GLN A 168 -9.90 -7.49 13.18
C GLN A 168 -10.55 -7.26 14.54
N ARG A 169 -10.65 -6.00 14.98
CA ARG A 169 -11.11 -5.77 16.36
C ARG A 169 -12.57 -6.10 16.57
N ASP A 170 -13.42 -6.08 15.54
CA ASP A 170 -14.83 -6.49 15.71
C ASP A 170 -14.97 -8.00 15.52
N ASN A 171 -14.25 -8.81 16.31
CA ASN A 171 -14.01 -10.23 16.10
C ASN A 171 -15.25 -11.03 16.45
N ALA A 172 -16.19 -10.45 17.20
CA ALA A 172 -17.44 -11.21 17.45
C ALA A 172 -18.32 -11.28 16.25
N THR A 173 -18.08 -10.43 15.27
CA THR A 173 -18.97 -10.35 14.16
C THR A 173 -18.32 -10.70 12.81
N TYR A 174 -17.08 -10.40 12.63
CA TYR A 174 -16.35 -10.52 11.35
C TYR A 174 -15.01 -11.13 11.55
N GLY A 175 -14.52 -11.93 10.63
CA GLY A 175 -13.15 -12.36 10.63
C GLY A 175 -12.20 -11.17 10.45
N GLN A 176 -12.53 -10.28 9.48
CA GLN A 176 -11.81 -9.06 9.25
C GLN A 176 -12.73 -8.12 8.49
N THR A 177 -12.54 -6.83 8.69
CA THR A 177 -13.20 -5.78 7.92
C THR A 177 -12.13 -4.82 7.40
N MET A 178 -12.55 -3.85 6.56
CA MET A 178 -11.74 -2.69 6.31
C MET A 178 -12.48 -1.43 6.72
N VAL A 179 -11.76 -0.50 7.26
CA VAL A 179 -12.26 0.71 7.93
C VAL A 179 -11.43 1.89 7.56
N HIS A 180 -11.84 3.06 8.05
CA HIS A 180 -10.97 4.21 8.03
C HIS A 180 -11.21 5.11 9.22
N GLN A 181 -10.27 6.01 9.47
CA GLN A 181 -10.43 7.14 10.35
C GLN A 181 -9.95 8.37 9.64
N VAL A 182 -10.45 9.52 10.04
CA VAL A 182 -10.16 10.81 9.43
C VAL A 182 -9.61 11.78 10.43
N THR A 183 -8.76 12.70 10.00
CA THR A 183 -8.23 13.75 10.84
C THR A 183 -8.16 15.03 10.04
N ASN A 184 -8.33 16.18 10.75
CA ASN A 184 -8.05 17.49 10.11
C ASN A 184 -6.81 18.11 10.69
N ASP A 185 -6.05 17.38 11.50
CA ASP A 185 -4.84 17.99 12.08
C ASP A 185 -3.66 17.03 12.26
N LEU A 186 -3.70 15.79 11.89
CA LEU A 186 -2.84 14.62 12.02
C LEU A 186 -2.68 14.11 13.45
N LYS A 187 -3.34 14.76 14.42
CA LYS A 187 -3.15 14.48 15.83
C LYS A 187 -4.37 13.82 16.39
N ASN A 188 -5.53 14.31 16.05
CA ASN A 188 -6.77 13.84 16.64
C ASN A 188 -7.55 13.14 15.52
N TRP A 189 -7.87 11.85 15.75
CA TRP A 189 -8.53 11.06 14.73
C TRP A 189 -10.00 10.82 15.10
N GLY A 190 -10.89 10.85 14.14
CA GLY A 190 -12.30 10.64 14.30
C GLY A 190 -12.58 9.17 14.57
N PRO A 191 -13.83 8.82 14.73
CA PRO A 191 -14.16 7.43 15.04
C PRO A 191 -13.92 6.50 13.86
N VAL A 192 -13.81 5.21 14.21
CA VAL A 192 -13.69 4.20 13.18
C VAL A 192 -14.96 4.10 12.36
N VAL A 193 -14.83 4.15 11.05
CA VAL A 193 -15.90 4.02 10.08
C VAL A 193 -15.72 2.72 9.33
N GLU A 194 -16.71 1.84 9.37
CA GLU A 194 -16.64 0.59 8.62
C GLU A 194 -16.89 0.84 7.16
N ASP A 195 -15.97 0.39 6.32
CA ASP A 195 -16.06 0.53 4.88
C ASP A 195 -16.49 -0.75 4.19
N VAL A 196 -15.85 -1.86 4.50
CA VAL A 196 -16.14 -3.13 3.86
C VAL A 196 -16.33 -4.20 4.97
N THR A 197 -17.57 -4.70 5.03
CA THR A 197 -17.96 -5.77 5.91
C THR A 197 -18.81 -6.75 5.14
N TYR A 198 -18.75 -8.01 5.52
CA TYR A 198 -19.52 -9.08 4.88
C TYR A 198 -20.18 -9.92 5.95
N PRO A 199 -21.36 -10.48 5.59
CA PRO A 199 -22.14 -11.23 6.59
C PRO A 199 -21.73 -12.65 6.83
N THR A 200 -20.72 -13.18 6.17
CA THR A 200 -20.14 -14.50 6.51
C THR A 200 -18.92 -14.34 7.33
N TYR A 201 -18.87 -14.95 8.51
CA TYR A 201 -17.79 -14.72 9.47
C TYR A 201 -16.43 -14.99 8.89
N THR A 202 -16.30 -16.05 8.09
CA THR A 202 -15.00 -16.43 7.60
C THR A 202 -14.53 -15.53 6.44
N ASP A 203 -15.33 -14.59 5.96
CA ASP A 203 -14.84 -13.63 4.97
C ASP A 203 -13.79 -12.74 5.60
N ARG A 204 -12.74 -12.46 4.87
CA ARG A 204 -11.61 -11.61 5.28
C ARG A 204 -11.25 -10.69 4.12
N PRO A 205 -12.06 -9.68 3.86
CA PRO A 205 -11.62 -8.61 2.97
C PRO A 205 -10.44 -7.92 3.64
N GLY A 206 -9.46 -7.47 2.84
CA GLY A 206 -8.28 -6.83 3.39
C GLY A 206 -7.55 -6.05 2.35
N MET A 207 -6.58 -5.25 2.79
CA MET A 207 -5.52 -4.63 2.04
C MET A 207 -6.05 -3.54 1.11
N PRO A 208 -6.63 -2.49 1.69
CA PRO A 208 -7.24 -1.45 0.85
C PRO A 208 -6.21 -0.53 0.23
N VAL A 209 -6.39 -0.27 -1.09
CA VAL A 209 -5.58 0.66 -1.82
C VAL A 209 -6.52 1.50 -2.69
N VAL A 210 -6.29 2.82 -2.75
CA VAL A 210 -7.22 3.71 -3.42
C VAL A 210 -6.47 4.50 -4.45
N THR A 211 -7.08 4.77 -5.60
CA THR A 211 -6.60 5.76 -6.56
C THR A 211 -7.78 6.58 -7.06
N LYS A 212 -7.60 7.88 -7.17
CA LYS A 212 -8.60 8.79 -7.68
C LYS A 212 -8.60 8.81 -9.21
N LEU A 213 -9.78 8.73 -9.79
CA LEU A 213 -9.97 8.74 -11.21
C LEU A 213 -10.31 10.12 -11.75
N PRO A 214 -10.12 10.37 -13.02
CA PRO A 214 -10.24 11.73 -13.56
C PRO A 214 -11.65 12.28 -13.59
N ASN A 215 -12.65 11.45 -13.42
CA ASN A 215 -14.04 11.90 -13.33
C ASN A 215 -14.48 12.11 -11.90
N GLY A 216 -13.56 12.07 -10.94
CA GLY A 216 -13.92 12.29 -9.56
C GLY A 216 -14.31 11.05 -8.80
N GLN A 217 -14.49 9.90 -9.46
CA GLN A 217 -14.65 8.65 -8.69
C GLN A 217 -13.33 8.23 -8.09
N TYR A 218 -13.42 7.58 -6.96
CA TYR A 218 -12.32 6.90 -6.30
C TYR A 218 -12.48 5.40 -6.53
N PHE A 219 -11.37 4.78 -6.94
CA PHE A 219 -11.23 3.34 -7.17
C PHE A 219 -10.60 2.72 -5.94
N TYR A 220 -11.38 1.98 -5.21
CA TYR A 220 -11.00 1.35 -3.92
C TYR A 220 -10.83 -0.13 -4.20
N VAL A 221 -9.63 -0.65 -4.16
CA VAL A 221 -9.35 -2.04 -4.47
C VAL A 221 -8.91 -2.77 -3.22
N TYR A 222 -9.23 -4.09 -3.18
CA TYR A 222 -8.94 -4.89 -2.01
C TYR A 222 -8.89 -6.36 -2.44
N GLU A 223 -8.28 -7.18 -1.57
CA GLU A 223 -8.45 -8.63 -1.69
C GLU A 223 -9.68 -9.04 -0.92
N TYR A 224 -10.48 -9.92 -1.50
CA TYR A 224 -11.67 -10.40 -0.79
C TYR A 224 -11.44 -11.87 -0.45
N GLY A 225 -10.97 -12.10 0.78
CA GLY A 225 -10.84 -13.46 1.27
C GLY A 225 -12.21 -14.07 1.54
N SER A 226 -12.53 -15.21 0.95
CA SER A 226 -13.77 -15.91 1.22
C SER A 226 -13.68 -17.32 0.66
N PHE A 227 -14.54 -18.18 1.22
CA PHE A 227 -14.83 -19.47 0.62
C PHE A 227 -15.79 -19.32 -0.57
N PHE A 228 -16.55 -18.22 -0.65
CA PHE A 228 -17.61 -18.02 -1.63
C PHE A 228 -18.52 -19.23 -1.62
N GLY A 229 -18.82 -19.80 -0.45
CA GLY A 229 -19.73 -20.89 -0.37
C GLY A 229 -19.16 -22.23 -0.77
N THR A 230 -17.88 -22.32 -0.97
CA THR A 230 -17.26 -23.53 -1.45
C THR A 230 -16.32 -24.05 -0.36
N GLU A 231 -15.59 -25.11 -0.72
CA GLU A 231 -14.72 -25.66 0.31
C GLU A 231 -13.30 -25.15 0.25
N THR A 232 -12.97 -24.25 -0.62
CA THR A 232 -11.74 -23.70 -1.03
C THR A 232 -11.75 -22.17 -0.85
N TYR A 233 -10.77 -21.70 -0.10
CA TYR A 233 -10.61 -20.26 0.18
C TYR A 233 -9.81 -19.58 -0.90
N SER A 234 -10.15 -18.34 -1.25
CA SER A 234 -9.33 -17.58 -2.18
C SER A 234 -9.42 -16.10 -1.82
N PHE A 235 -8.53 -15.33 -2.42
CA PHE A 235 -8.37 -13.90 -2.23
C PHE A 235 -8.47 -13.12 -3.54
N PRO A 236 -9.57 -13.24 -4.30
CA PRO A 236 -9.70 -12.49 -5.57
C PRO A 236 -9.75 -11.01 -5.32
N LEU A 237 -9.30 -10.27 -6.31
CA LEU A 237 -9.35 -8.81 -6.27
C LEU A 237 -10.75 -8.33 -6.58
N TYR A 238 -11.20 -7.37 -5.74
CA TYR A 238 -12.48 -6.67 -5.86
C TYR A 238 -12.24 -5.20 -5.78
N TYR A 239 -13.16 -4.41 -6.34
CA TYR A 239 -13.12 -2.96 -6.16
C TYR A 239 -14.52 -2.41 -5.94
N ARG A 240 -14.51 -1.23 -5.33
CA ARG A 240 -15.68 -0.39 -5.14
C ARG A 240 -15.36 0.98 -5.71
N LEU A 241 -16.40 1.62 -6.22
CA LEU A 241 -16.31 2.93 -6.82
C LEU A 241 -17.21 3.92 -6.08
N SER A 242 -16.67 5.05 -5.66
CA SER A 242 -17.41 6.06 -4.98
C SER A 242 -16.83 7.43 -5.26
N SER A 243 -17.65 8.46 -5.41
CA SER A 243 -17.13 9.81 -5.55
C SER A 243 -16.89 10.53 -4.26
N ASP A 244 -17.14 9.97 -3.13
CA ASP A 244 -16.94 10.31 -1.74
C ASP A 244 -15.98 9.30 -1.11
N PRO A 245 -14.73 9.74 -0.91
CA PRO A 245 -13.72 8.76 -0.43
C PRO A 245 -13.95 8.33 0.99
N GLU A 246 -14.87 8.94 1.70
CA GLU A 246 -15.24 8.54 3.05
C GLU A 246 -16.50 7.65 3.05
N ASN A 247 -17.09 7.38 1.92
CA ASN A 247 -18.29 6.56 1.84
C ASN A 247 -18.05 5.42 0.88
N ILE A 248 -17.61 4.31 1.43
CA ILE A 248 -17.31 3.09 0.70
C ILE A 248 -18.36 2.01 0.93
N ALA A 249 -18.96 1.96 2.13
CA ALA A 249 -19.85 0.88 2.50
C ALA A 249 -21.10 0.83 1.64
N SER A 250 -21.51 1.94 1.06
CA SER A 250 -22.71 1.97 0.26
C SER A 250 -22.44 1.52 -1.17
N ALA A 251 -21.21 1.24 -1.55
CA ALA A 251 -20.87 0.84 -2.91
C ALA A 251 -20.80 -0.68 -2.98
N PRO A 252 -21.50 -1.32 -3.92
CA PRO A 252 -21.37 -2.78 -4.05
C PRO A 252 -19.99 -3.15 -4.54
N GLY A 253 -19.50 -4.27 -4.05
CA GLY A 253 -18.22 -4.79 -4.57
C GLY A 253 -18.35 -5.34 -5.95
N GLN A 254 -17.33 -5.12 -6.73
CA GLN A 254 -17.22 -5.60 -8.11
C GLN A 254 -15.97 -6.48 -8.25
N ARG A 255 -16.12 -7.71 -8.68
CA ARG A 255 -14.96 -8.59 -8.92
C ARG A 255 -14.22 -8.12 -10.14
N LEU A 256 -12.91 -8.01 -10.04
CA LEU A 256 -12.09 -7.61 -11.19
C LEU A 256 -12.02 -8.84 -12.13
N VAL A 257 -12.45 -8.69 -13.37
CA VAL A 257 -12.48 -9.75 -14.34
C VAL A 257 -11.48 -9.41 -15.48
N VAL A 258 -10.64 -10.37 -15.77
CA VAL A 258 -9.57 -10.20 -16.75
C VAL A 258 -9.98 -10.88 -18.04
N SER A 259 -9.80 -10.24 -19.20
CA SER A 259 -10.29 -10.80 -20.45
C SER A 259 -9.59 -12.11 -20.84
N SER A 260 -8.39 -12.40 -20.35
CA SER A 260 -7.66 -13.62 -20.61
C SER A 260 -8.17 -14.78 -19.78
N GLY A 261 -8.94 -14.49 -18.73
CA GLY A 261 -9.32 -15.53 -17.79
C GLY A 261 -8.43 -15.68 -16.58
N THR A 262 -7.29 -14.97 -16.52
CA THR A 262 -6.51 -14.99 -15.28
C THR A 262 -7.40 -14.45 -14.16
N GLN A 263 -7.27 -15.07 -12.99
CA GLN A 263 -8.04 -14.67 -11.81
C GLN A 263 -7.07 -14.13 -10.79
N PRO A 264 -6.83 -12.82 -10.78
CA PRO A 264 -5.76 -12.28 -9.90
C PRO A 264 -6.19 -12.42 -8.43
N THR A 265 -5.20 -12.71 -7.60
CA THR A 265 -5.42 -12.88 -6.20
C THR A 265 -4.32 -12.20 -5.36
N SER A 266 -4.75 -11.74 -4.19
CA SER A 266 -3.95 -11.20 -3.10
C SER A 266 -3.47 -9.76 -3.34
N SER A 267 -3.46 -9.00 -2.21
CA SER A 267 -2.64 -7.84 -2.04
C SER A 267 -2.52 -6.93 -3.26
N PRO A 268 -3.62 -6.25 -3.59
CA PRO A 268 -3.62 -5.41 -4.78
C PRO A 268 -2.92 -4.11 -4.59
N TYR A 269 -2.56 -3.51 -5.72
CA TYR A 269 -2.16 -2.11 -5.76
C TYR A 269 -2.77 -1.54 -7.03
N ALA A 270 -3.25 -0.29 -6.97
CA ALA A 270 -3.87 0.38 -8.13
C ALA A 270 -3.35 1.79 -8.22
N VAL A 271 -3.16 2.22 -9.48
CA VAL A 271 -2.77 3.57 -9.84
C VAL A 271 -3.50 3.96 -11.13
N TRP A 272 -3.41 5.22 -11.46
CA TRP A 272 -4.04 5.77 -12.67
C TRP A 272 -3.03 6.69 -13.37
N THR A 273 -2.96 6.56 -14.70
CA THR A 273 -2.19 7.46 -15.54
C THR A 273 -3.14 8.13 -16.57
N PRO A 274 -2.82 9.37 -16.96
CA PRO A 274 -3.50 9.95 -18.11
C PRO A 274 -3.22 9.24 -19.41
N TYR A 275 -2.10 8.50 -19.51
CA TYR A 275 -1.76 7.83 -20.74
C TYR A 275 -2.75 6.71 -21.05
N GLY A 276 -2.84 6.45 -22.36
CA GLY A 276 -3.56 5.32 -22.89
C GLY A 276 -4.89 5.55 -23.54
N GLY A 277 -5.45 6.72 -23.35
CA GLY A 277 -6.75 7.06 -23.93
C GLY A 277 -7.40 8.20 -23.22
N GLU A 278 -8.61 8.53 -23.64
CA GLU A 278 -9.31 9.68 -23.15
C GLU A 278 -9.63 9.61 -21.67
N ASN A 279 -9.80 8.44 -21.09
CA ASN A 279 -10.03 8.22 -19.67
C ASN A 279 -8.77 7.81 -18.94
N GLY A 280 -7.62 7.90 -19.57
CA GLY A 280 -6.40 7.35 -19.02
C GLY A 280 -6.58 5.83 -18.80
N THR A 281 -5.69 5.32 -17.93
CA THR A 281 -5.60 3.90 -17.69
C THR A 281 -5.44 3.64 -16.19
N ILE A 282 -6.27 2.80 -15.64
CA ILE A 282 -6.06 2.24 -14.31
C ILE A 282 -5.15 1.03 -14.47
N ILE A 283 -4.16 0.91 -13.62
CA ILE A 283 -3.18 -0.20 -13.64
C ILE A 283 -3.19 -0.85 -12.27
N VAL A 284 -3.36 -2.16 -12.25
CA VAL A 284 -3.47 -2.95 -11.05
C VAL A 284 -2.43 -4.07 -11.06
N SER A 285 -1.85 -4.30 -9.91
CA SER A 285 -1.02 -5.46 -9.58
C SER A 285 -1.72 -6.28 -8.51
N SER A 286 -1.47 -7.59 -8.53
CA SER A 286 -1.77 -8.49 -7.46
C SER A 286 -0.48 -8.98 -6.85
N GLY A 287 -0.62 -9.72 -5.73
CA GLY A 287 0.55 -10.33 -5.09
C GLY A 287 0.97 -11.65 -5.69
N THR A 288 0.17 -12.21 -6.59
CA THR A 288 0.40 -13.57 -7.08
C THR A 288 0.92 -13.60 -8.49
N GLN A 289 0.47 -12.68 -9.32
CA GLN A 289 0.81 -12.61 -10.73
C GLN A 289 1.96 -11.64 -10.94
N GLY A 290 2.82 -11.97 -11.89
CA GLY A 290 3.88 -11.08 -12.33
C GLY A 290 3.44 -10.03 -13.35
N THR A 291 2.41 -10.31 -14.09
CA THR A 291 1.81 -9.45 -15.08
C THR A 291 1.11 -8.28 -14.42
N LEU A 292 0.59 -7.37 -15.25
CA LEU A 292 -0.24 -6.26 -14.80
C LEU A 292 -1.59 -6.33 -15.46
N PHE A 293 -2.57 -5.64 -14.88
CA PHE A 293 -3.94 -5.61 -15.34
C PHE A 293 -4.34 -4.17 -15.58
N ILE A 294 -4.80 -3.85 -16.79
CA ILE A 294 -5.11 -2.47 -17.11
C ILE A 294 -6.55 -2.29 -17.53
N ASN A 295 -7.04 -1.06 -17.40
CA ASN A 295 -8.40 -0.74 -17.74
C ASN A 295 -8.48 0.71 -18.22
N LYS A 296 -8.90 0.89 -19.46
CA LYS A 296 -8.97 2.19 -20.12
C LYS A 296 -10.37 2.78 -20.10
N ALA A 297 -11.25 2.19 -19.31
CA ALA A 297 -12.64 2.58 -19.23
C ALA A 297 -13.11 2.78 -17.78
N LEU A 298 -12.22 3.31 -16.95
CA LEU A 298 -12.57 3.70 -15.59
C LEU A 298 -13.08 2.54 -14.74
N GLY A 299 -12.70 1.30 -15.08
CA GLY A 299 -13.17 0.14 -14.34
C GLY A 299 -14.35 -0.57 -14.97
N GLU A 300 -14.83 -0.09 -16.10
CA GLU A 300 -15.88 -0.78 -16.85
C GLU A 300 -15.33 -1.99 -17.57
N GLY A 301 -16.20 -2.93 -17.89
CA GLY A 301 -15.83 -4.05 -18.71
C GLY A 301 -14.82 -4.97 -18.05
N GLU A 302 -13.95 -5.49 -18.86
CA GLU A 302 -12.90 -6.41 -18.44
C GLU A 302 -11.54 -5.75 -18.53
N TRP A 303 -10.60 -6.29 -17.79
CA TRP A 303 -9.24 -5.81 -17.69
C TRP A 303 -8.36 -6.57 -18.63
N THR A 304 -7.37 -5.87 -19.19
CA THR A 304 -6.39 -6.48 -20.10
C THR A 304 -5.13 -6.82 -19.32
N GLU A 305 -4.74 -8.07 -19.41
CA GLU A 305 -3.47 -8.53 -18.82
C GLU A 305 -2.32 -8.20 -19.78
N ILE A 306 -1.28 -7.56 -19.24
CA ILE A 306 -0.11 -7.19 -20.01
C ILE A 306 1.13 -7.72 -19.37
N PRO A 307 2.20 -7.92 -20.14
CA PRO A 307 3.46 -8.36 -19.54
C PRO A 307 4.05 -7.31 -18.64
N CYS A 308 4.92 -7.75 -17.75
CA CYS A 308 5.67 -6.84 -16.88
C CYS A 308 7.03 -7.46 -16.56
N PRO A 309 8.09 -6.66 -16.64
CA PRO A 309 9.42 -7.23 -16.43
C PRO A 309 9.83 -7.39 -15.00
N GLU A 310 9.05 -6.87 -14.05
CA GLU A 310 9.34 -7.02 -12.62
C GLU A 310 8.73 -8.29 -12.11
N GLU A 311 9.48 -8.98 -11.23
CA GLU A 311 8.93 -10.20 -10.65
C GLU A 311 7.70 -9.96 -9.83
N HIS A 312 6.94 -11.02 -9.63
CA HIS A 312 5.82 -10.95 -8.73
C HIS A 312 6.29 -10.86 -7.28
N GLY A 313 5.47 -10.26 -6.41
CA GLY A 313 5.77 -10.23 -5.01
C GLY A 313 4.56 -9.75 -4.20
N TYR A 314 4.63 -9.99 -2.89
CA TYR A 314 3.54 -9.64 -1.98
C TYR A 314 3.36 -8.13 -1.95
N THR A 315 2.11 -7.69 -2.12
CA THR A 315 1.72 -6.30 -2.18
C THR A 315 2.70 -5.43 -3.00
N ARG A 316 3.07 -5.99 -4.16
CA ARG A 316 3.94 -5.25 -5.09
C ARG A 316 3.33 -3.90 -5.35
N ALA A 317 4.19 -2.88 -5.29
CA ALA A 317 3.75 -1.48 -5.32
C ALA A 317 3.93 -0.87 -6.68
N LEU A 318 2.97 -0.05 -7.10
CA LEU A 318 2.97 0.65 -8.35
C LEU A 318 2.98 2.15 -8.12
N ARG A 319 3.59 2.91 -9.02
CA ARG A 319 3.51 4.33 -8.97
C ARG A 319 3.65 4.91 -10.38
N VAL A 320 2.69 5.74 -10.76
CA VAL A 320 2.78 6.53 -11.99
C VAL A 320 3.60 7.77 -11.67
N LEU A 321 4.78 7.86 -12.24
CA LEU A 321 5.62 9.04 -12.03
C LEU A 321 5.01 10.23 -12.75
N SER A 322 5.27 11.43 -12.24
CA SER A 322 4.67 12.62 -12.80
C SER A 322 5.23 13.02 -14.15
N GLU A 323 6.47 12.65 -14.43
CA GLU A 323 7.19 13.16 -15.59
C GLU A 323 6.45 12.89 -16.87
N ASP A 324 6.53 13.87 -17.76
CA ASP A 324 5.94 13.76 -19.08
C ASP A 324 4.45 13.48 -18.97
N GLY A 325 3.81 13.99 -17.92
CA GLY A 325 2.37 13.84 -17.75
C GLY A 325 1.91 12.43 -17.45
N GLY A 326 2.73 11.65 -16.73
CA GLY A 326 2.34 10.29 -16.31
C GLY A 326 2.78 9.18 -17.21
N ARG A 327 3.89 9.41 -17.93
CA ARG A 327 4.33 8.44 -18.89
C ARG A 327 5.00 7.19 -18.34
N TYR A 328 5.59 7.22 -17.15
CA TYR A 328 6.44 6.13 -16.68
C TYR A 328 5.82 5.52 -15.42
N LEU A 329 5.84 4.19 -15.37
CA LEU A 329 5.32 3.40 -14.27
C LEU A 329 6.44 2.70 -13.49
N VAL A 330 6.52 2.94 -12.20
CA VAL A 330 7.33 2.18 -11.27
C VAL A 330 6.59 0.95 -10.83
N VAL A 331 7.26 -0.20 -10.85
CA VAL A 331 6.79 -1.47 -10.36
C VAL A 331 7.86 -1.97 -9.38
N ASN A 332 7.54 -2.02 -8.10
CA ASN A 332 8.51 -2.19 -7.01
C ASN A 332 8.13 -3.36 -6.14
N SER A 333 8.96 -4.40 -6.11
CA SER A 333 8.76 -5.56 -5.26
C SER A 333 9.77 -5.55 -4.11
N ALA A 334 9.34 -6.15 -2.97
CA ALA A 334 10.23 -6.44 -1.87
C ALA A 334 10.29 -7.93 -1.56
N GLY A 335 9.81 -8.77 -2.45
CA GLY A 335 9.91 -10.18 -2.27
C GLY A 335 8.61 -10.90 -2.03
N VAL A 336 8.72 -12.20 -1.81
CA VAL A 336 7.58 -13.08 -1.60
C VAL A 336 7.50 -13.46 -0.13
N LEU A 337 6.29 -13.86 0.29
CA LEU A 337 6.08 -14.34 1.64
C LEU A 337 7.03 -15.48 2.00
N LEU A 338 7.68 -15.41 3.13
CA LEU A 338 8.64 -16.39 3.59
C LEU A 338 9.73 -16.68 2.57
N GLY A 339 10.05 -15.68 1.74
CA GLY A 339 11.07 -15.90 0.72
C GLY A 339 12.44 -16.13 1.31
N GLU A 340 13.20 -17.05 0.74
CA GLU A 340 14.57 -17.32 1.15
C GLU A 340 15.59 -16.44 0.45
N ASN A 341 15.20 -15.71 -0.59
CA ASN A 341 16.13 -14.91 -1.38
C ASN A 341 15.50 -13.59 -1.76
N ASN A 342 14.76 -12.98 -0.80
CA ASN A 342 14.10 -11.72 -1.13
C ASN A 342 15.09 -10.58 -1.28
N ARG A 343 14.72 -9.63 -2.12
CA ARG A 343 15.42 -8.36 -2.25
C ARG A 343 14.40 -7.32 -2.66
N VAL A 344 14.78 -6.05 -2.54
CA VAL A 344 13.92 -4.95 -2.94
C VAL A 344 14.42 -4.46 -4.30
N SER A 345 13.53 -4.49 -5.28
CA SER A 345 13.87 -4.16 -6.66
C SER A 345 12.80 -3.28 -7.26
N VAL A 346 13.14 -2.68 -8.41
CA VAL A 346 12.23 -1.82 -9.14
C VAL A 346 12.49 -1.89 -10.62
N SER A 347 11.38 -1.86 -11.37
CA SER A 347 11.38 -1.68 -12.81
C SER A 347 10.62 -0.43 -13.14
N VAL A 348 10.93 0.18 -14.26
CA VAL A 348 10.21 1.34 -14.80
C VAL A 348 9.80 0.99 -16.19
N MET A 349 8.50 1.15 -16.49
CA MET A 349 7.92 0.86 -17.79
C MET A 349 7.49 2.15 -18.47
N ASP A 350 7.68 2.19 -19.79
CA ASP A 350 7.30 3.33 -20.62
C ASP A 350 5.88 3.14 -21.09
N LEU A 351 4.92 3.79 -20.46
CA LEU A 351 3.49 3.65 -20.76
C LEU A 351 3.14 4.16 -22.15
N LYS A 352 3.97 5.03 -22.75
CA LYS A 352 3.75 5.43 -24.14
C LYS A 352 3.78 4.20 -25.05
N GLU A 353 4.64 3.22 -24.71
CA GLU A 353 4.78 2.01 -25.49
C GLU A 353 3.96 0.87 -24.97
N VAL A 354 3.88 0.61 -23.67
CA VAL A 354 3.27 -0.65 -23.22
C VAL A 354 1.76 -0.65 -23.07
N LEU A 355 1.14 0.51 -23.08
CA LEU A 355 -0.32 0.57 -23.04
C LEU A 355 -0.93 0.47 -24.44
#